data_8SBG
#
_entry.id   8SBG
#
_cell.length_a   100.836
_cell.length_b   100.836
_cell.length_c   228.406
_cell.angle_alpha   90.000
_cell.angle_beta   90.000
_cell.angle_gamma   120.000
#
_symmetry.space_group_name_H-M   'P 64 2 2'
#
loop_
_entity.id
_entity.type
_entity.pdbx_description
1 polymer Tryptophanase
2 non-polymer "PYRIDOXAL-5'-PHOSPHATE"
3 water water
#
_entity_poly.entity_id   1
_entity_poly.type   'polypeptide(L)'
_entity_poly.pdbx_seq_one_letter_code
;HHHHHHSSGVDLGTENLYFQSMELPFAESWKIKMVEPIRKSTREEREQWIKEAHYNVFQLKSEQVYIDLITDSGTGAMSD
RQWAAMMLGDESYAGATSFFNLKNTITKLTGFEYIIPTHQGRAAENVLFSYLVHDGDIVPGNSHFDTTKGHIEGRHAIAL
DCTIDAAKDTQLEIPFKGNVDPEKLEKVLREHADHVPFIIVTITNNTAGGQPVSMQNLREVRTIADKYNKPVLFDSARFA
ENAYFIKMRENGYQQKSIKEITREMFDLADGMTMSAKKDGIVNMGGFIATRLKEWYEGAKGFCVQYEGYLTYGGMNGRDM
NALATGLDENTEFDNLETRIKQVEYLAKKLDEYGIPYQRPAGGHAIFVDASKVLTHVPKEEFPAQTLTVELYLEAGIRGC
EIGYILADRDPVTHLNRFNGLDLLRLAIPRRVYTDNHMNVIAAALRNVYERRESITHGVRIVWEAPLMRHFTVQLERLS
;
_entity_poly.pdbx_strand_id   A
#
# COMPACT_ATOMS: atom_id res chain seq x y z
N MET A 22 27.82 -6.57 24.09
CA MET A 22 27.22 -7.15 25.29
C MET A 22 25.73 -7.41 25.09
N GLU A 23 25.01 -6.47 24.48
CA GLU A 23 23.63 -6.72 24.10
C GLU A 23 23.60 -7.37 22.72
N LEU A 24 22.86 -8.47 22.60
CA LEU A 24 22.80 -9.16 21.32
C LEU A 24 22.10 -8.27 20.28
N PRO A 25 22.67 -8.12 19.09
CA PRO A 25 22.01 -7.32 18.05
C PRO A 25 20.82 -8.07 17.48
N PHE A 26 19.99 -7.33 16.74
CA PHE A 26 18.75 -7.91 16.20
C PHE A 26 19.05 -8.84 15.03
N ALA A 27 18.24 -9.88 14.91
CA ALA A 27 18.26 -10.73 13.72
C ALA A 27 16.85 -11.20 13.43
N GLU A 28 16.67 -11.71 12.20
CA GLU A 28 15.35 -12.08 11.73
C GLU A 28 14.79 -13.23 12.55
N SER A 29 13.49 -13.20 12.78
CA SER A 29 12.82 -14.28 13.50
C SER A 29 12.50 -15.48 12.62
N TRP A 30 13.04 -15.54 11.40
CA TRP A 30 12.86 -16.68 10.51
C TRP A 30 14.20 -16.94 9.83
N LYS A 31 14.30 -18.08 9.15
CA LYS A 31 15.48 -18.40 8.36
C LYS A 31 15.00 -18.80 6.98
N ILE A 32 15.95 -18.91 6.05
CA ILE A 32 15.65 -19.08 4.63
C ILE A 32 15.49 -20.56 4.31
N LYS A 33 14.47 -20.90 3.51
CA LYS A 33 14.30 -22.28 3.06
C LYS A 33 14.40 -22.48 1.55
N MET A 34 14.21 -21.44 0.73
CA MET A 34 14.39 -21.58 -0.71
C MET A 34 14.82 -20.24 -1.27
N VAL A 35 15.66 -20.26 -2.30
CA VAL A 35 16.19 -19.04 -2.89
C VAL A 35 15.89 -19.04 -4.38
N GLU A 36 16.07 -17.88 -5.02
CA GLU A 36 16.01 -17.78 -6.47
C GLU A 36 17.04 -16.76 -6.91
N PRO A 37 17.44 -16.79 -8.18
CA PRO A 37 18.56 -15.94 -8.61
C PRO A 37 18.21 -14.46 -8.74
N ILE A 38 19.26 -13.64 -8.64
CA ILE A 38 19.22 -12.23 -8.99
C ILE A 38 20.14 -12.04 -10.18
N ARG A 39 19.69 -11.23 -11.13
CA ARG A 39 20.45 -10.93 -12.35
C ARG A 39 21.12 -9.58 -12.22
N LYS A 40 22.37 -9.50 -12.62
CA LYS A 40 23.16 -8.29 -12.57
C LYS A 40 23.32 -7.74 -13.98
N SER A 41 23.63 -6.46 -14.08
CA SER A 41 23.71 -5.87 -15.41
C SER A 41 24.72 -4.72 -15.43
N THR A 42 25.09 -4.33 -16.64
CA THR A 42 25.98 -3.20 -16.87
C THR A 42 25.18 -1.94 -17.13
N ARG A 43 25.82 -0.79 -16.87
CA ARG A 43 25.17 0.47 -17.14
C ARG A 43 24.86 0.63 -18.62
N GLU A 44 25.70 0.07 -19.49
CA GLU A 44 25.38 0.16 -20.90
C GLU A 44 24.08 -0.59 -21.22
N GLU A 45 23.90 -1.78 -20.62
CA GLU A 45 22.67 -2.51 -20.84
C GLU A 45 21.46 -1.73 -20.33
N ARG A 46 21.59 -1.11 -19.17
CA ARG A 46 20.49 -0.37 -18.56
C ARG A 46 20.12 0.85 -19.38
N GLU A 47 21.12 1.52 -19.96
CA GLU A 47 20.86 2.68 -20.81
C GLU A 47 19.86 2.32 -21.90
N GLN A 48 20.14 1.23 -22.61
CA GLN A 48 19.28 0.83 -23.72
C GLN A 48 17.95 0.29 -23.22
N TRP A 49 17.97 -0.46 -22.10
CA TRP A 49 16.73 -1.01 -21.56
C TRP A 49 15.79 0.08 -21.08
N ILE A 50 16.33 1.11 -20.41
CA ILE A 50 15.46 2.20 -19.96
C ILE A 50 14.95 3.03 -21.14
N LYS A 51 15.72 3.08 -22.24
CA LYS A 51 15.23 3.76 -23.44
C LYS A 51 14.13 2.96 -24.10
N GLU A 52 14.34 1.66 -24.30
CA GLU A 52 13.29 0.83 -24.89
C GLU A 52 12.04 0.77 -24.04
N ALA A 53 12.09 1.20 -22.78
CA ALA A 53 10.91 1.32 -21.94
C ALA A 53 10.32 2.72 -21.97
N HIS A 54 10.91 3.63 -22.74
CA HIS A 54 10.50 5.03 -22.77
C HIS A 54 10.52 5.61 -21.35
N TYR A 55 11.61 5.30 -20.63
CA TYR A 55 11.87 5.84 -19.30
C TYR A 55 10.67 5.67 -18.36
N ASN A 56 9.88 4.61 -18.57
CA ASN A 56 8.81 4.23 -17.65
C ASN A 56 9.17 2.85 -17.11
N VAL A 57 9.43 2.78 -15.81
CA VAL A 57 10.03 1.57 -15.24
C VAL A 57 9.03 0.42 -15.20
N PHE A 58 7.72 0.72 -15.19
CA PHE A 58 6.71 -0.33 -15.29
C PHE A 58 6.90 -1.14 -16.57
N GLN A 59 7.52 -0.55 -17.58
CA GLN A 59 7.73 -1.21 -18.86
C GLN A 59 9.03 -2.00 -18.90
N LEU A 60 9.90 -1.85 -17.90
CA LEU A 60 11.09 -2.68 -17.82
C LEU A 60 10.72 -4.14 -17.55
N LYS A 61 11.44 -5.06 -18.19
CA LYS A 61 11.28 -6.48 -17.93
C LYS A 61 11.93 -6.86 -16.59
N SER A 62 11.27 -7.75 -15.86
CA SER A 62 11.79 -8.31 -14.62
C SER A 62 13.28 -8.64 -14.72
N GLU A 63 13.67 -9.30 -15.82
CA GLU A 63 15.04 -9.75 -15.99
C GLU A 63 16.02 -8.58 -16.06
N GLN A 64 15.53 -7.38 -16.37
CA GLN A 64 16.35 -6.18 -16.51
C GLN A 64 16.49 -5.40 -15.21
N VAL A 65 15.90 -5.90 -14.11
CA VAL A 65 15.98 -5.24 -12.82
C VAL A 65 16.85 -6.09 -11.91
N TYR A 66 17.73 -5.43 -11.16
CA TYR A 66 18.63 -6.09 -10.22
C TYR A 66 17.99 -6.23 -8.84
N ILE A 67 17.46 -5.13 -8.30
CA ILE A 67 16.70 -5.15 -7.05
C ILE A 67 15.39 -4.43 -7.30
N ASP A 68 14.27 -5.17 -7.21
CA ASP A 68 12.96 -4.67 -7.61
C ASP A 68 12.20 -4.18 -6.39
N LEU A 69 12.05 -2.86 -6.28
CA LEU A 69 11.30 -2.25 -5.19
C LEU A 69 10.04 -1.56 -5.70
N ILE A 70 9.49 -2.01 -6.84
CA ILE A 70 8.39 -1.29 -7.45
C ILE A 70 7.14 -1.40 -6.59
N THR A 71 7.02 -2.47 -5.80
CA THR A 71 5.90 -2.55 -4.88
C THR A 71 6.12 -3.71 -3.93
N ASP A 72 5.50 -3.62 -2.76
CA ASP A 72 5.42 -4.73 -1.84
C ASP A 72 4.16 -5.60 -2.06
N SER A 73 3.34 -5.28 -3.05
CA SER A 73 2.05 -5.94 -3.23
C SER A 73 2.26 -7.26 -3.95
N GLY A 74 2.09 -8.37 -3.22
CA GLY A 74 2.09 -9.67 -3.85
C GLY A 74 3.45 -10.18 -4.25
N THR A 75 4.52 -9.48 -3.85
CA THR A 75 5.87 -9.83 -4.25
C THR A 75 6.63 -10.58 -3.16
N GLY A 76 5.99 -10.86 -2.02
CA GLY A 76 6.71 -11.39 -0.88
C GLY A 76 6.94 -12.89 -0.94
N ALA A 77 7.79 -13.36 -0.04
CA ALA A 77 8.09 -14.78 0.11
C ALA A 77 7.18 -15.40 1.18
N MET A 78 6.49 -16.48 0.82
CA MET A 78 5.66 -17.21 1.76
C MET A 78 6.52 -18.11 2.66
N SER A 79 5.90 -18.61 3.73
CA SER A 79 6.54 -19.53 4.65
C SER A 79 6.26 -20.99 4.28
N ASP A 80 7.04 -21.89 4.90
CA ASP A 80 6.87 -23.32 4.73
C ASP A 80 5.45 -23.77 5.07
N ARG A 81 4.83 -23.15 6.08
CA ARG A 81 3.47 -23.54 6.45
C ARG A 81 2.43 -23.04 5.43
N GLN A 82 2.72 -21.92 4.76
CA GLN A 82 1.86 -21.48 3.67
C GLN A 82 1.96 -22.42 2.47
N TRP A 83 3.17 -22.90 2.17
CA TRP A 83 3.32 -23.84 1.06
C TRP A 83 2.68 -25.18 1.38
N ALA A 84 2.77 -25.62 2.64
CA ALA A 84 2.07 -26.83 3.05
C ALA A 84 0.56 -26.67 2.86
N ALA A 85 0.03 -25.54 3.31
CA ALA A 85 -1.37 -25.21 3.10
C ALA A 85 -1.73 -25.23 1.62
N MET A 86 -0.81 -24.83 0.73
CA MET A 86 -1.14 -24.86 -0.69
C MET A 86 -1.21 -26.28 -1.23
N MET A 87 -0.57 -27.24 -0.57
CA MET A 87 -0.62 -28.61 -1.06
C MET A 87 -1.96 -29.26 -0.71
N LEU A 88 -2.71 -28.61 0.20
CA LEU A 88 -4.02 -29.08 0.65
C LEU A 88 -5.16 -28.27 0.06
N GLY A 89 -4.90 -27.45 -0.95
CA GLY A 89 -5.96 -26.64 -1.51
C GLY A 89 -7.06 -27.48 -2.13
N ASP A 90 -8.31 -27.08 -1.86
CA ASP A 90 -9.52 -27.73 -2.39
C ASP A 90 -9.95 -26.88 -3.57
N GLU A 91 -9.88 -27.45 -4.77
CA GLU A 91 -10.17 -26.69 -5.97
C GLU A 91 -11.62 -26.81 -6.43
N SER A 92 -12.51 -27.26 -5.56
CA SER A 92 -13.89 -27.44 -6.00
C SER A 92 -14.58 -26.08 -6.15
N TYR A 93 -15.53 -26.04 -7.10
CA TYR A 93 -16.05 -24.75 -7.56
C TYR A 93 -17.00 -24.13 -6.53
N ALA A 94 -17.67 -24.96 -5.73
CA ALA A 94 -18.66 -24.52 -4.76
C ALA A 94 -18.38 -25.19 -3.43
N GLY A 95 -18.21 -24.38 -2.38
CA GLY A 95 -18.08 -24.92 -1.04
C GLY A 95 -16.75 -25.58 -0.69
N ALA A 96 -15.66 -25.17 -1.34
CA ALA A 96 -14.35 -25.75 -1.04
C ALA A 96 -14.02 -25.62 0.43
N THR A 97 -13.38 -26.66 0.98
CA THR A 97 -12.97 -26.59 2.36
C THR A 97 -12.02 -25.42 2.58
N SER A 98 -11.24 -25.08 1.55
CA SER A 98 -10.28 -23.99 1.65
C SER A 98 -10.97 -22.66 1.89
N PHE A 99 -12.18 -22.46 1.35
CA PHE A 99 -12.88 -21.21 1.56
C PHE A 99 -13.38 -21.07 2.99
N PHE A 100 -13.99 -22.11 3.55
CA PHE A 100 -14.45 -22.02 4.93
C PHE A 100 -13.28 -21.88 5.90
N ASN A 101 -12.16 -22.51 5.58
CA ASN A 101 -10.90 -22.27 6.27
C ASN A 101 -10.56 -20.77 6.32
N LEU A 102 -10.49 -20.13 5.15
CA LEU A 102 -10.21 -18.69 5.07
C LEU A 102 -11.26 -17.88 5.82
N LYS A 103 -12.54 -18.19 5.59
CA LYS A 103 -13.65 -17.49 6.22
C LYS A 103 -13.55 -17.50 7.75
N ASN A 104 -13.40 -18.68 8.34
CA ASN A 104 -13.32 -18.78 9.80
C ASN A 104 -12.10 -18.07 10.35
N THR A 105 -10.97 -18.11 9.64
CA THR A 105 -9.80 -17.36 10.08
C THR A 105 -10.11 -15.88 10.16
N ILE A 106 -10.77 -15.34 9.12
CA ILE A 106 -11.11 -13.93 9.10
C ILE A 106 -12.09 -13.59 10.21
N THR A 107 -13.20 -14.31 10.30
CA THR A 107 -14.13 -14.02 11.38
C THR A 107 -13.42 -14.06 12.73
N LYS A 108 -12.56 -15.05 12.93
CA LYS A 108 -11.86 -15.19 14.21
C LYS A 108 -11.06 -13.96 14.53
N LEU A 109 -10.35 -13.46 13.55
CA LEU A 109 -9.39 -12.41 13.72
C LEU A 109 -10.01 -11.02 13.76
N THR A 110 -11.17 -10.83 13.10
CA THR A 110 -11.76 -9.50 12.96
C THR A 110 -13.13 -9.34 13.58
N GLY A 111 -13.84 -10.44 13.88
CA GLY A 111 -15.22 -10.37 14.31
C GLY A 111 -16.26 -10.19 13.20
N PHE A 112 -15.84 -10.03 11.95
CA PHE A 112 -16.80 -9.90 10.84
C PHE A 112 -17.30 -11.28 10.44
N GLU A 113 -18.62 -11.43 10.32
CA GLU A 113 -19.20 -12.73 9.99
C GLU A 113 -19.45 -12.94 8.50
N TYR A 114 -19.55 -11.87 7.71
CA TYR A 114 -19.85 -11.96 6.28
C TYR A 114 -18.57 -11.76 5.47
N ILE A 115 -18.19 -12.76 4.68
CA ILE A 115 -16.98 -12.67 3.88
C ILE A 115 -17.29 -12.92 2.41
N ILE A 116 -16.80 -12.01 1.57
CA ILE A 116 -16.85 -12.19 0.12
C ILE A 116 -15.42 -12.29 -0.38
N PRO A 117 -15.02 -13.43 -0.93
CA PRO A 117 -13.68 -13.56 -1.52
C PRO A 117 -13.57 -12.82 -2.85
N THR A 118 -12.42 -12.17 -3.07
CA THR A 118 -12.10 -11.57 -4.36
C THR A 118 -10.64 -11.89 -4.69
N HIS A 119 -10.22 -11.66 -5.95
CA HIS A 119 -8.88 -12.12 -6.29
C HIS A 119 -7.79 -11.14 -5.84
N GLN A 120 -8.07 -9.84 -5.80
CA GLN A 120 -7.11 -8.82 -5.26
C GLN A 120 -7.87 -7.70 -4.58
N GLY A 121 -7.12 -6.63 -4.26
CA GLY A 121 -7.71 -5.50 -3.55
C GLY A 121 -8.64 -4.68 -4.42
N ARG A 122 -8.21 -4.36 -5.65
CA ARG A 122 -9.07 -3.52 -6.49
C ARG A 122 -10.33 -4.26 -6.92
N ALA A 123 -10.28 -5.60 -6.92
CA ALA A 123 -11.48 -6.39 -7.17
C ALA A 123 -12.46 -6.27 -6.01
N ALA A 124 -11.93 -6.26 -4.79
CA ALA A 124 -12.78 -6.05 -3.62
C ALA A 124 -13.42 -4.67 -3.64
N GLU A 125 -12.64 -3.64 -4.03
CA GLU A 125 -13.22 -2.31 -4.25
C GLU A 125 -14.24 -2.34 -5.40
N ASN A 126 -13.87 -2.96 -6.52
CA ASN A 126 -14.79 -3.01 -7.65
C ASN A 126 -16.12 -3.61 -7.23
N VAL A 127 -16.07 -4.76 -6.54
CA VAL A 127 -17.30 -5.47 -6.15
C VAL A 127 -18.10 -4.63 -5.15
N LEU A 128 -17.43 -4.11 -4.12
CA LEU A 128 -18.19 -3.45 -3.06
C LEU A 128 -18.66 -2.05 -3.48
N PHE A 129 -17.84 -1.30 -4.20
CA PHE A 129 -18.24 0.06 -4.56
C PHE A 129 -19.31 0.08 -5.66
N SER A 130 -19.43 -0.97 -6.47
CA SER A 130 -20.54 -0.91 -7.41
C SER A 130 -21.88 -1.15 -6.71
N TYR A 131 -21.89 -1.60 -5.46
CA TYR A 131 -23.12 -1.50 -4.69
C TYR A 131 -23.23 -0.17 -3.93
N LEU A 132 -22.13 0.34 -3.38
CA LEU A 132 -22.21 1.45 -2.42
C LEU A 132 -22.00 2.84 -3.03
N VAL A 133 -21.25 2.97 -4.11
CA VAL A 133 -20.85 4.26 -4.64
C VAL A 133 -21.77 4.62 -5.81
N HIS A 134 -22.49 5.74 -5.67
CA HIS A 134 -23.38 6.26 -6.71
C HIS A 134 -22.89 7.61 -7.19
N ASP A 135 -23.33 7.99 -8.39
CA ASP A 135 -22.89 9.25 -8.98
C ASP A 135 -23.24 10.41 -8.04
N GLY A 136 -22.28 11.31 -7.82
CA GLY A 136 -22.47 12.48 -6.98
C GLY A 136 -22.11 12.31 -5.53
N ASP A 137 -21.79 11.10 -5.09
CA ASP A 137 -21.45 10.87 -3.70
C ASP A 137 -20.08 11.48 -3.41
N ILE A 138 -19.81 11.81 -2.14
CA ILE A 138 -18.44 12.07 -1.72
C ILE A 138 -18.07 10.96 -0.74
N VAL A 139 -16.86 10.44 -0.86
CA VAL A 139 -16.35 9.43 0.05
C VAL A 139 -15.14 10.00 0.76
N PRO A 140 -15.32 10.57 1.95
CA PRO A 140 -14.19 11.12 2.70
C PRO A 140 -13.37 10.03 3.40
N GLY A 141 -12.11 10.38 3.67
CA GLY A 141 -11.24 9.52 4.45
C GLY A 141 -9.85 10.13 4.52
N ASN A 142 -8.88 9.34 4.98
CA ASN A 142 -7.49 9.76 4.81
C ASN A 142 -7.07 9.39 3.39
N SER A 143 -5.78 9.52 3.06
CA SER A 143 -5.36 9.48 1.66
C SER A 143 -5.76 8.18 0.97
N HIS A 144 -6.64 8.27 -0.02
CA HIS A 144 -7.10 7.11 -0.79
C HIS A 144 -6.02 6.58 -1.73
N PHE A 145 -5.75 5.28 -1.64
CA PHE A 145 -4.85 4.66 -2.60
C PHE A 145 -5.41 4.83 -4.02
N ASP A 146 -4.52 4.67 -5.00
CA ASP A 146 -4.86 5.15 -6.34
C ASP A 146 -5.77 4.20 -7.14
N THR A 147 -5.79 2.88 -6.88
CA THR A 147 -6.89 2.09 -7.44
C THR A 147 -8.20 2.39 -6.72
N THR A 148 -8.13 2.64 -5.42
CA THR A 148 -9.31 2.97 -4.65
C THR A 148 -9.93 4.26 -5.16
N LYS A 149 -9.10 5.27 -5.39
CA LYS A 149 -9.55 6.53 -5.97
C LYS A 149 -10.12 6.32 -7.36
N GLY A 150 -9.52 5.40 -8.14
CA GLY A 150 -10.04 5.11 -9.46
C GLY A 150 -11.46 4.58 -9.44
N HIS A 151 -11.78 3.71 -8.48
CA HIS A 151 -13.12 3.14 -8.37
C HIS A 151 -14.14 4.12 -7.80
N ILE A 152 -13.71 5.20 -7.17
CA ILE A 152 -14.65 6.23 -6.71
C ILE A 152 -14.89 7.27 -7.79
N GLU A 153 -13.80 7.80 -8.35
CA GLU A 153 -13.88 8.78 -9.42
C GLU A 153 -14.46 8.18 -10.69
N GLY A 154 -14.16 6.90 -10.95
CA GLY A 154 -14.76 6.23 -12.09
C GLY A 154 -16.26 6.13 -12.01
N ARG A 155 -16.83 6.11 -10.79
CA ARG A 155 -18.27 6.15 -10.63
C ARG A 155 -18.79 7.58 -10.47
N HIS A 156 -18.03 8.57 -10.93
CA HIS A 156 -18.42 9.98 -10.87
C HIS A 156 -18.67 10.44 -9.44
N ALA A 157 -17.95 9.87 -8.49
CA ALA A 157 -17.99 10.30 -7.10
C ALA A 157 -16.67 10.99 -6.77
N ILE A 158 -16.62 11.61 -5.59
CA ILE A 158 -15.47 12.40 -5.17
C ILE A 158 -14.78 11.69 -4.01
N ALA A 159 -13.49 11.42 -4.17
CA ALA A 159 -12.65 10.94 -3.07
C ALA A 159 -12.03 12.16 -2.40
N LEU A 160 -12.50 12.46 -1.18
CA LEU A 160 -12.14 13.65 -0.42
C LEU A 160 -11.09 13.31 0.65
N ASP A 161 -9.87 13.80 0.45
CA ASP A 161 -8.78 13.58 1.40
C ASP A 161 -8.98 14.42 2.66
N CYS A 162 -9.01 13.77 3.83
CA CYS A 162 -9.08 14.45 5.12
C CYS A 162 -7.89 14.13 6.02
N THR A 163 -6.75 13.72 5.46
CA THR A 163 -5.58 13.46 6.27
C THR A 163 -5.11 14.74 6.97
N ILE A 164 -4.56 14.57 8.18
CA ILE A 164 -4.00 15.70 8.91
C ILE A 164 -2.93 16.41 8.06
N ASP A 165 -2.87 17.75 8.18
CA ASP A 165 -1.97 18.55 7.36
C ASP A 165 -0.51 18.21 7.61
N ALA A 166 -0.19 17.67 8.79
CA ALA A 166 1.19 17.32 9.10
C ALA A 166 1.77 16.31 8.11
N ALA A 167 0.91 15.49 7.48
CA ALA A 167 1.39 14.45 6.57
C ALA A 167 2.23 15.02 5.44
N LYS A 168 2.03 16.28 5.07
CA LYS A 168 2.76 16.85 3.94
C LYS A 168 4.00 17.63 4.34
N ASP A 169 4.35 17.61 5.64
CA ASP A 169 5.63 18.11 6.17
C ASP A 169 6.60 16.93 6.28
N THR A 170 7.35 16.67 5.21
CA THR A 170 8.07 15.39 5.15
C THR A 170 9.07 15.21 6.29
N GLN A 171 9.72 16.28 6.75
CA GLN A 171 10.74 16.17 7.78
C GLN A 171 10.19 16.24 9.20
N LEU A 172 8.90 16.50 9.37
CA LEU A 172 8.29 16.53 10.70
C LEU A 172 8.09 15.12 11.23
N GLU A 173 8.59 14.85 12.43
CA GLU A 173 8.51 13.50 13.00
C GLU A 173 7.36 13.45 13.99
N ILE A 174 6.35 12.63 13.68
CA ILE A 174 5.25 12.38 14.61
C ILE A 174 4.86 10.90 14.54
N PRO A 175 4.24 10.38 15.60
CA PRO A 175 4.01 8.92 15.67
C PRO A 175 2.95 8.39 14.74
N PHE A 176 1.90 9.15 14.45
CA PHE A 176 0.78 8.66 13.64
C PHE A 176 0.45 9.68 12.54
N LYS A 177 1.40 9.85 11.62
CA LYS A 177 1.22 10.82 10.55
C LYS A 177 0.13 10.45 9.55
N GLY A 178 -0.43 9.25 9.62
CA GLY A 178 -1.48 8.87 8.69
C GLY A 178 -2.88 9.18 9.15
N ASN A 179 -3.03 9.81 10.32
CA ASN A 179 -4.33 9.99 10.95
C ASN A 179 -5.29 10.81 10.09
N VAL A 180 -6.58 10.61 10.36
CA VAL A 180 -7.62 11.48 9.82
C VAL A 180 -7.76 12.69 10.74
N ASP A 181 -7.78 13.88 10.15
CA ASP A 181 -8.10 15.11 10.88
C ASP A 181 -9.57 15.14 11.23
N PRO A 182 -9.96 15.02 12.51
CA PRO A 182 -11.40 14.98 12.83
C PRO A 182 -12.15 16.24 12.44
N GLU A 183 -11.50 17.41 12.48
CA GLU A 183 -12.14 18.64 12.04
C GLU A 183 -12.51 18.57 10.57
N LYS A 184 -11.61 18.04 9.75
CA LYS A 184 -11.86 17.96 8.33
C LYS A 184 -13.03 17.01 8.05
N LEU A 185 -13.04 15.85 8.71
CA LEU A 185 -14.14 14.89 8.53
C LEU A 185 -15.46 15.47 9.02
N GLU A 186 -15.47 16.09 10.21
CA GLU A 186 -16.68 16.73 10.71
C GLU A 186 -17.25 17.71 9.67
N LYS A 187 -16.38 18.51 9.05
CA LYS A 187 -16.82 19.53 8.10
C LYS A 187 -17.55 18.93 6.91
N VAL A 188 -16.96 17.93 6.25
CA VAL A 188 -17.59 17.34 5.06
C VAL A 188 -18.98 16.81 5.41
N LEU A 189 -19.08 16.13 6.55
CA LEU A 189 -20.34 15.51 6.95
C LEU A 189 -21.39 16.56 7.32
N ARG A 190 -20.98 17.66 7.95
CA ARG A 190 -21.92 18.74 8.25
C ARG A 190 -22.48 19.35 6.97
N GLU A 191 -21.70 19.37 5.90
CA GLU A 191 -22.08 20.00 4.65
C GLU A 191 -22.74 19.05 3.64
N HIS A 192 -22.38 17.77 3.64
CA HIS A 192 -22.84 16.85 2.60
C HIS A 192 -23.31 15.51 3.12
N ALA A 193 -23.55 15.37 4.42
CA ALA A 193 -23.97 14.10 5.02
C ALA A 193 -24.95 13.35 4.11
N ASP A 194 -25.88 14.08 3.50
CA ASP A 194 -26.92 13.49 2.61
C ASP A 194 -26.35 12.67 1.43
N HIS A 195 -25.17 13.01 0.91
CA HIS A 195 -24.54 12.25 -0.20
C HIS A 195 -23.20 11.66 0.23
N VAL A 196 -23.06 11.31 1.50
CA VAL A 196 -21.84 10.61 1.99
C VAL A 196 -22.27 9.15 2.20
N PRO A 197 -21.94 8.15 1.36
CA PRO A 197 -22.41 6.78 1.64
C PRO A 197 -21.61 6.08 2.72
N PHE A 198 -20.32 6.41 2.86
CA PHE A 198 -19.54 5.83 3.94
C PHE A 198 -18.22 6.58 4.06
N ILE A 199 -17.55 6.35 5.19
CA ILE A 199 -16.22 6.87 5.48
C ILE A 199 -15.21 5.74 5.33
N ILE A 200 -14.07 6.04 4.72
CA ILE A 200 -13.04 5.05 4.48
C ILE A 200 -11.75 5.48 5.16
N VAL A 201 -11.18 4.59 5.98
CA VAL A 201 -9.90 4.81 6.65
C VAL A 201 -8.93 3.76 6.14
N THR A 202 -7.81 4.22 5.61
CA THR A 202 -6.76 3.34 5.10
C THR A 202 -5.67 3.17 6.16
N ILE A 203 -5.38 1.91 6.53
CA ILE A 203 -4.47 1.56 7.61
C ILE A 203 -3.49 0.52 7.08
N THR A 204 -2.19 0.74 7.26
CA THR A 204 -1.58 2.06 7.40
C THR A 204 -1.98 2.95 6.21
N ASN A 205 -1.65 4.24 6.31
CA ASN A 205 -1.93 5.21 5.26
C ASN A 205 -0.86 5.09 4.18
N ASN A 206 -1.21 4.38 3.10
CA ASN A 206 -0.20 4.02 2.10
C ASN A 206 0.35 5.27 1.42
N THR A 207 -0.53 6.09 0.85
CA THR A 207 -0.06 7.15 -0.05
C THR A 207 0.56 8.32 0.71
N ALA A 208 0.27 8.48 2.01
CA ALA A 208 0.98 9.42 2.88
C ALA A 208 2.34 8.89 3.34
N GLY A 209 2.81 7.79 2.75
CA GLY A 209 4.11 7.25 3.06
C GLY A 209 4.13 6.06 3.99
N GLY A 210 3.08 5.24 4.00
CA GLY A 210 2.98 4.10 4.89
C GLY A 210 2.92 4.45 6.36
N GLN A 211 2.21 5.53 6.71
CA GLN A 211 2.18 6.09 8.06
C GLN A 211 0.97 5.60 8.85
N PRO A 212 1.16 5.23 10.12
CA PRO A 212 0.09 4.56 10.86
C PRO A 212 -1.02 5.50 11.32
N VAL A 213 -2.12 4.88 11.71
CA VAL A 213 -3.30 5.52 12.25
C VAL A 213 -3.47 5.00 13.66
N SER A 214 -3.76 5.90 14.58
CA SER A 214 -3.79 5.55 15.99
C SER A 214 -5.14 4.96 16.38
N MET A 215 -5.15 4.14 17.43
CA MET A 215 -6.42 3.64 17.93
C MET A 215 -7.32 4.80 18.35
N GLN A 216 -6.73 5.80 19.02
CA GLN A 216 -7.48 7.01 19.37
C GLN A 216 -8.18 7.59 18.16
N ASN A 217 -7.45 7.72 17.05
CA ASN A 217 -8.02 8.27 15.83
C ASN A 217 -9.10 7.37 15.25
N LEU A 218 -8.96 6.05 15.39
CA LEU A 218 -10.05 5.19 14.92
C LEU A 218 -11.30 5.40 15.76
N ARG A 219 -11.15 5.63 17.07
CA ARG A 219 -12.31 5.96 17.86
C ARG A 219 -12.85 7.34 17.49
N GLU A 220 -11.97 8.32 17.25
CA GLU A 220 -12.45 9.63 16.81
C GLU A 220 -13.35 9.49 15.59
N VAL A 221 -12.88 8.76 14.57
CA VAL A 221 -13.65 8.55 13.36
C VAL A 221 -14.97 7.86 13.69
N ARG A 222 -14.92 6.83 14.53
CA ARG A 222 -16.14 6.10 14.89
C ARG A 222 -17.15 7.01 15.56
N THR A 223 -16.69 7.92 16.43
CA THR A 223 -17.64 8.77 17.13
C THR A 223 -18.31 9.76 16.19
N ILE A 224 -17.56 10.33 15.25
CA ILE A 224 -18.14 11.26 14.26
C ILE A 224 -19.09 10.52 13.32
N ALA A 225 -18.64 9.37 12.80
CA ALA A 225 -19.53 8.56 11.95
C ALA A 225 -20.81 8.22 12.68
N ASP A 226 -20.72 7.96 13.98
CA ASP A 226 -21.91 7.62 14.77
C ASP A 226 -22.85 8.80 14.88
N LYS A 227 -22.30 10.02 15.03
CA LYS A 227 -23.14 11.20 15.12
C LYS A 227 -23.98 11.37 13.86
N TYR A 228 -23.40 11.08 12.70
CA TYR A 228 -24.09 11.21 11.42
C TYR A 228 -24.65 9.90 10.91
N ASN A 229 -24.61 8.84 11.74
CA ASN A 229 -25.17 7.54 11.39
C ASN A 229 -24.62 7.02 10.06
N LYS A 230 -23.31 7.03 9.95
CA LYS A 230 -22.63 6.57 8.76
C LYS A 230 -21.81 5.33 9.06
N PRO A 231 -21.64 4.43 8.09
CA PRO A 231 -20.76 3.27 8.27
C PRO A 231 -19.31 3.61 7.94
N VAL A 232 -18.40 2.84 8.53
CA VAL A 232 -16.96 3.05 8.35
C VAL A 232 -16.36 1.81 7.70
N LEU A 233 -15.54 2.04 6.67
CA LEU A 233 -14.85 0.98 5.95
C LEU A 233 -13.35 1.15 6.12
N PHE A 234 -12.65 0.07 6.45
CA PHE A 234 -11.20 0.11 6.56
C PHE A 234 -10.60 -0.52 5.30
N ASP A 235 -9.82 0.25 4.54
CA ASP A 235 -8.91 -0.33 3.56
C ASP A 235 -7.76 -0.96 4.32
N SER A 236 -7.69 -2.28 4.33
CA SER A 236 -6.96 -3.00 5.38
C SER A 236 -5.71 -3.71 4.89
N ALA A 237 -5.26 -3.41 3.66
CA ALA A 237 -4.10 -4.04 3.08
C ALA A 237 -2.92 -4.16 4.05
N ARG A 238 -2.66 -3.13 4.86
CA ARG A 238 -1.54 -3.22 5.81
C ARG A 238 -2.00 -3.01 7.25
N PHE A 239 -3.13 -3.63 7.63
CA PHE A 239 -3.63 -3.46 9.00
C PHE A 239 -2.69 -4.06 10.02
N ALA A 240 -1.90 -5.07 9.64
CA ALA A 240 -1.01 -5.70 10.59
C ALA A 240 0.17 -4.79 10.91
N GLU A 241 0.77 -4.19 9.89
CA GLU A 241 1.76 -3.16 10.14
C GLU A 241 1.17 -2.05 11.02
N ASN A 242 -0.10 -1.71 10.81
CA ASN A 242 -0.69 -0.65 11.63
C ASN A 242 -0.78 -1.09 13.09
N ALA A 243 -1.19 -2.34 13.33
CA ALA A 243 -1.29 -2.84 14.70
C ALA A 243 0.06 -2.84 15.40
N TYR A 244 1.13 -3.14 14.66
CA TYR A 244 2.47 -3.08 15.23
C TYR A 244 2.81 -1.66 15.68
N PHE A 245 2.42 -0.66 14.90
CA PHE A 245 2.76 0.72 15.25
C PHE A 245 1.95 1.18 16.45
N ILE A 246 0.69 0.73 16.56
CA ILE A 246 -0.08 1.02 17.76
C ILE A 246 0.59 0.39 18.98
N LYS A 247 0.96 -0.90 18.89
CA LYS A 247 1.64 -1.54 20.02
C LYS A 247 2.91 -0.80 20.42
N MET A 248 3.66 -0.26 19.46
CA MET A 248 4.97 0.31 19.77
C MET A 248 4.94 1.80 20.12
N ARG A 249 3.85 2.51 19.81
CA ARG A 249 3.88 3.96 19.91
C ARG A 249 2.69 4.53 20.67
N GLU A 250 1.57 3.83 20.72
CA GLU A 250 0.38 4.34 21.41
C GLU A 250 0.40 3.89 22.86
N ASN A 251 0.34 4.87 23.78
CA ASN A 251 0.38 4.57 25.20
C ASN A 251 -0.88 3.80 25.59
N GLY A 252 -0.71 2.74 26.38
CA GLY A 252 -1.80 1.86 26.75
C GLY A 252 -1.87 0.58 25.94
N TYR A 253 -1.02 0.41 24.93
CA TYR A 253 -1.03 -0.80 24.11
C TYR A 253 0.29 -1.53 24.11
N GLN A 254 1.28 -1.07 24.88
CA GLN A 254 2.58 -1.73 24.91
C GLN A 254 2.48 -3.23 25.23
N GLN A 255 1.46 -3.66 25.96
CA GLN A 255 1.42 -5.05 26.42
C GLN A 255 0.33 -5.88 25.77
N LYS A 256 -0.30 -5.39 24.72
CA LYS A 256 -1.34 -6.12 24.02
C LYS A 256 -0.74 -6.89 22.87
N SER A 257 -1.34 -8.02 22.53
CA SER A 257 -0.90 -8.78 21.37
C SER A 257 -1.38 -8.14 20.07
N ILE A 258 -0.65 -8.42 18.99
CA ILE A 258 -1.09 -8.00 17.67
C ILE A 258 -2.52 -8.46 17.41
N LYS A 259 -2.82 -9.70 17.76
CA LYS A 259 -4.17 -10.21 17.55
C LYS A 259 -5.19 -9.44 18.39
N GLU A 260 -4.80 -9.07 19.60
CA GLU A 260 -5.65 -8.22 20.43
C GLU A 260 -5.87 -6.86 19.77
N ILE A 261 -4.79 -6.20 19.35
CA ILE A 261 -4.94 -4.88 18.75
C ILE A 261 -5.74 -4.97 17.47
N THR A 262 -5.53 -6.04 16.70
CA THR A 262 -6.26 -6.21 15.43
C THR A 262 -7.76 -6.22 15.68
N ARG A 263 -8.22 -7.03 16.62
CA ARG A 263 -9.65 -7.11 16.89
C ARG A 263 -10.21 -5.78 17.40
N GLU A 264 -9.48 -5.10 18.30
CA GLU A 264 -9.93 -3.80 18.79
C GLU A 264 -10.17 -2.82 17.64
N MET A 265 -9.18 -2.71 16.74
CA MET A 265 -9.26 -1.93 15.51
C MET A 265 -10.56 -2.21 14.74
N PHE A 266 -10.82 -3.49 14.39
CA PHE A 266 -11.97 -3.79 13.54
C PHE A 266 -13.30 -3.73 14.26
N ASP A 267 -13.32 -3.81 15.59
CA ASP A 267 -14.55 -3.49 16.33
C ASP A 267 -15.06 -2.08 16.07
N LEU A 268 -14.19 -1.18 15.61
CA LEU A 268 -14.58 0.19 15.28
C LEU A 268 -14.96 0.38 13.82
N ALA A 269 -14.95 -0.68 13.03
CA ALA A 269 -15.29 -0.60 11.62
C ALA A 269 -16.56 -1.40 11.34
N ASP A 270 -17.28 -0.98 10.31
CA ASP A 270 -18.43 -1.77 9.87
C ASP A 270 -18.07 -2.77 8.79
N GLY A 271 -16.94 -2.58 8.11
CA GLY A 271 -16.50 -3.56 7.15
C GLY A 271 -15.08 -3.23 6.75
N MET A 272 -14.49 -4.15 6.01
CA MET A 272 -13.13 -3.95 5.54
C MET A 272 -13.04 -4.44 4.11
N THR A 273 -12.04 -3.94 3.43
CA THR A 273 -11.67 -4.40 2.11
C THR A 273 -10.19 -4.67 2.21
N MET A 274 -9.69 -5.75 1.60
CA MET A 274 -8.28 -6.00 1.81
C MET A 274 -7.62 -6.62 0.59
N SER A 275 -6.52 -6.01 0.18
CA SER A 275 -5.57 -6.67 -0.70
C SER A 275 -4.68 -7.53 0.19
N ALA A 276 -4.98 -8.83 0.22
CA ALA A 276 -4.20 -9.74 1.04
C ALA A 276 -2.80 -9.89 0.50
N LYS A 277 -2.55 -9.41 -0.72
CA LYS A 277 -1.21 -9.45 -1.27
C LYS A 277 -0.22 -8.61 -0.44
N LYS A 278 -0.71 -7.81 0.50
CA LYS A 278 0.20 -7.11 1.42
C LYS A 278 0.33 -7.88 2.73
N ASP A 279 -0.49 -7.57 3.73
CA ASP A 279 -0.30 -8.17 5.04
C ASP A 279 -0.82 -9.61 5.16
N GLY A 280 -1.36 -10.22 4.10
CA GLY A 280 -1.46 -11.67 4.09
C GLY A 280 -0.16 -12.37 3.75
N ILE A 281 0.78 -11.64 3.14
CA ILE A 281 2.00 -12.21 2.57
C ILE A 281 1.67 -13.40 1.66
N VAL A 282 0.74 -13.17 0.71
CA VAL A 282 0.45 -14.09 -0.38
C VAL A 282 0.69 -13.38 -1.70
N ASN A 283 0.92 -14.17 -2.74
CA ASN A 283 1.15 -13.58 -4.05
C ASN A 283 -0.15 -13.19 -4.77
N MET A 284 -1.30 -13.56 -4.24
CA MET A 284 -2.59 -13.23 -4.83
C MET A 284 -3.66 -13.38 -3.75
N GLY A 285 -4.69 -12.58 -3.83
CA GLY A 285 -5.84 -12.76 -2.95
C GLY A 285 -6.39 -11.48 -2.36
N GLY A 286 -7.66 -11.51 -2.03
CA GLY A 286 -8.29 -10.37 -1.39
C GLY A 286 -9.62 -10.80 -0.85
N PHE A 287 -10.29 -9.87 -0.17
CA PHE A 287 -11.66 -10.12 0.26
C PHE A 287 -12.32 -8.83 0.72
N ILE A 288 -13.65 -8.89 0.78
CA ILE A 288 -14.50 -7.99 1.55
C ILE A 288 -14.92 -8.73 2.81
N ALA A 289 -14.88 -8.08 3.97
CA ALA A 289 -15.53 -8.65 5.14
C ALA A 289 -16.33 -7.58 5.87
N THR A 290 -17.47 -7.96 6.44
CA THR A 290 -18.38 -6.97 7.00
C THR A 290 -19.29 -7.56 8.06
N ARG A 291 -19.82 -6.67 8.91
CA ARG A 291 -20.82 -7.03 9.91
C ARG A 291 -22.24 -6.69 9.47
N LEU A 292 -22.40 -6.10 8.29
CA LEU A 292 -23.69 -5.62 7.82
C LEU A 292 -24.23 -6.58 6.78
N LYS A 293 -25.35 -7.24 7.10
CA LYS A 293 -25.98 -8.11 6.12
C LYS A 293 -26.35 -7.35 4.84
N GLU A 294 -26.76 -6.07 4.96
CA GLU A 294 -27.14 -5.33 3.77
C GLU A 294 -25.96 -5.22 2.79
N TRP A 295 -24.74 -5.01 3.31
CA TRP A 295 -23.57 -4.92 2.44
C TRP A 295 -23.26 -6.27 1.80
N TYR A 296 -23.22 -7.33 2.62
CA TYR A 296 -23.01 -8.67 2.11
C TYR A 296 -23.98 -9.01 0.98
N GLU A 297 -25.28 -8.81 1.22
CA GLU A 297 -26.27 -9.18 0.21
C GLU A 297 -26.17 -8.30 -1.02
N GLY A 298 -25.78 -7.04 -0.84
CA GLY A 298 -25.73 -6.12 -1.97
C GLY A 298 -24.53 -6.34 -2.88
N ALA A 299 -23.43 -6.87 -2.34
CA ALA A 299 -22.23 -7.07 -3.12
C ALA A 299 -22.16 -8.44 -3.76
N LYS A 300 -22.93 -9.42 -3.25
CA LYS A 300 -22.89 -10.79 -3.75
C LYS A 300 -23.00 -10.85 -5.28
N GLY A 301 -23.98 -10.15 -5.84
CA GLY A 301 -24.21 -10.25 -7.27
C GLY A 301 -22.99 -9.81 -8.08
N PHE A 302 -22.26 -8.81 -7.60
CA PHE A 302 -21.14 -8.32 -8.39
C PHE A 302 -19.94 -9.25 -8.31
N CYS A 303 -19.80 -9.99 -7.21
CA CYS A 303 -18.73 -10.99 -7.13
C CYS A 303 -18.95 -12.10 -8.17
N VAL A 304 -20.20 -12.56 -8.30
CA VAL A 304 -20.48 -13.63 -9.26
C VAL A 304 -20.21 -13.14 -10.67
N GLN A 305 -20.52 -11.87 -10.95
CA GLN A 305 -20.39 -11.35 -12.31
C GLN A 305 -18.93 -10.99 -12.64
N TYR A 306 -18.16 -10.47 -11.67
CA TYR A 306 -16.79 -10.01 -11.92
C TYR A 306 -15.69 -10.97 -11.50
N GLU A 307 -15.87 -11.74 -10.44
CA GLU A 307 -14.76 -12.50 -9.84
C GLU A 307 -14.91 -14.02 -9.93
N GLY A 308 -16.08 -14.54 -9.62
CA GLY A 308 -16.31 -15.97 -9.58
C GLY A 308 -17.41 -16.29 -8.58
N TYR A 309 -17.59 -17.59 -8.32
CA TYR A 309 -18.65 -17.98 -7.40
C TYR A 309 -18.29 -17.56 -5.98
N LEU A 310 -19.31 -17.51 -5.11
CA LEU A 310 -19.14 -16.84 -3.82
C LEU A 310 -18.15 -17.53 -2.89
N THR A 311 -17.73 -18.75 -3.19
CA THR A 311 -16.82 -19.48 -2.32
C THR A 311 -15.40 -19.63 -2.89
N TYR A 312 -15.03 -18.82 -3.90
CA TYR A 312 -13.61 -18.71 -4.26
C TYR A 312 -13.26 -17.32 -4.80
N GLY A 313 -14.17 -16.67 -5.50
CA GLY A 313 -13.98 -15.25 -5.85
C GLY A 313 -12.74 -14.95 -6.68
N GLY A 314 -12.43 -15.82 -7.64
CA GLY A 314 -11.23 -15.65 -8.44
C GLY A 314 -9.94 -16.08 -7.78
N MET A 315 -10.03 -16.77 -6.65
CA MET A 315 -8.89 -17.28 -5.92
C MET A 315 -8.85 -18.81 -6.04
N ASN A 316 -7.66 -19.36 -6.27
CA ASN A 316 -7.48 -20.81 -6.12
C ASN A 316 -7.78 -21.25 -4.70
N GLY A 317 -8.25 -22.49 -4.58
CA GLY A 317 -8.29 -23.12 -3.27
C GLY A 317 -6.93 -23.08 -2.57
N ARG A 318 -5.86 -23.44 -3.29
CA ARG A 318 -4.55 -23.40 -2.65
C ARG A 318 -4.20 -21.97 -2.23
N ASP A 319 -4.67 -20.98 -2.98
CA ASP A 319 -4.39 -19.59 -2.60
C ASP A 319 -5.20 -19.15 -1.39
N MET A 320 -6.47 -19.58 -1.26
CA MET A 320 -7.15 -19.23 -0.01
C MET A 320 -6.57 -19.96 1.20
N ASN A 321 -6.08 -21.20 1.03
CA ASN A 321 -5.38 -21.85 2.14
C ASN A 321 -4.14 -21.04 2.56
N ALA A 322 -3.33 -20.63 1.58
CA ALA A 322 -2.12 -19.88 1.92
C ALA A 322 -2.48 -18.59 2.63
N LEU A 323 -3.59 -17.97 2.23
CA LEU A 323 -4.03 -16.73 2.85
C LEU A 323 -4.48 -16.98 4.28
N ALA A 324 -5.30 -18.00 4.50
CA ALA A 324 -5.69 -18.34 5.86
C ALA A 324 -4.48 -18.48 6.77
N THR A 325 -3.48 -19.24 6.32
CA THR A 325 -2.29 -19.41 7.15
C THR A 325 -1.52 -18.08 7.31
N GLY A 326 -1.40 -17.30 6.23
CA GLY A 326 -0.63 -16.08 6.30
C GLY A 326 -1.25 -15.04 7.22
N LEU A 327 -2.59 -14.98 7.26
CA LEU A 327 -3.25 -14.01 8.14
C LEU A 327 -2.95 -14.33 9.59
N ASP A 328 -3.02 -15.61 9.96
CA ASP A 328 -2.67 -16.02 11.31
C ASP A 328 -1.20 -15.77 11.60
N GLU A 329 -0.32 -16.09 10.64
CA GLU A 329 1.12 -15.97 10.86
C GLU A 329 1.56 -14.50 10.95
N ASN A 330 1.00 -13.63 10.12
CA ASN A 330 1.44 -12.23 10.11
C ASN A 330 0.69 -11.36 11.11
N THR A 331 -0.15 -11.93 11.97
CA THR A 331 -0.67 -11.25 13.14
C THR A 331 0.04 -11.71 14.41
N GLU A 332 1.35 -11.88 14.30
CA GLU A 332 2.20 -12.26 15.41
C GLU A 332 3.34 -11.24 15.45
N PHE A 333 3.74 -10.83 16.66
CA PHE A 333 4.68 -9.71 16.80
C PHE A 333 6.00 -9.96 16.07
N ASP A 334 6.64 -11.10 16.35
CA ASP A 334 8.00 -11.29 15.86
C ASP A 334 8.07 -11.13 14.34
N ASN A 335 7.09 -11.66 13.62
CA ASN A 335 7.15 -11.60 12.16
C ASN A 335 7.00 -10.16 11.68
N LEU A 336 6.06 -9.41 12.26
CA LEU A 336 5.96 -7.99 11.91
C LEU A 336 7.23 -7.22 12.32
N GLU A 337 7.78 -7.53 13.49
CA GLU A 337 8.96 -6.79 13.92
C GLU A 337 10.10 -6.99 12.92
N THR A 338 10.32 -8.22 12.49
CA THR A 338 11.40 -8.48 11.53
C THR A 338 11.21 -7.65 10.27
N ARG A 339 9.99 -7.62 9.73
CA ARG A 339 9.70 -6.87 8.50
C ARG A 339 9.97 -5.38 8.69
N ILE A 340 9.39 -4.79 9.74
CA ILE A 340 9.43 -3.34 9.87
C ILE A 340 10.82 -2.85 10.29
N LYS A 341 11.59 -3.63 11.05
CA LYS A 341 12.94 -3.17 11.38
C LYS A 341 13.86 -3.17 10.17
N GLN A 342 13.60 -4.02 9.16
CA GLN A 342 14.36 -3.91 7.92
C GLN A 342 14.11 -2.58 7.23
N VAL A 343 12.85 -2.15 7.22
CA VAL A 343 12.51 -0.87 6.63
C VAL A 343 13.19 0.26 7.41
N GLU A 344 13.14 0.18 8.74
CA GLU A 344 13.82 1.15 9.59
C GLU A 344 15.33 1.13 9.40
N TYR A 345 15.91 -0.06 9.19
CA TYR A 345 17.35 -0.14 8.94
C TYR A 345 17.71 0.60 7.66
N LEU A 346 16.90 0.42 6.60
CA LEU A 346 17.13 1.17 5.38
C LEU A 346 17.09 2.66 5.67
N ALA A 347 16.10 3.09 6.46
CA ALA A 347 15.99 4.49 6.82
C ALA A 347 17.26 4.96 7.52
N LYS A 348 17.70 4.21 8.55
CA LYS A 348 18.93 4.51 9.25
C LYS A 348 20.09 4.76 8.29
N LYS A 349 20.23 3.91 7.25
CA LYS A 349 21.30 4.15 6.30
C LYS A 349 21.08 5.46 5.54
N LEU A 350 19.84 5.70 5.10
CA LEU A 350 19.54 6.95 4.40
C LEU A 350 19.93 8.14 5.24
N ASP A 351 19.49 8.15 6.51
CA ASP A 351 19.88 9.20 7.45
C ASP A 351 21.38 9.34 7.55
N GLU A 352 22.11 8.23 7.56
CA GLU A 352 23.57 8.28 7.64
C GLU A 352 24.17 9.02 6.45
N TYR A 353 23.57 8.88 5.27
CA TYR A 353 24.03 9.58 4.08
C TYR A 353 23.33 10.92 3.88
N GLY A 354 22.43 11.31 4.79
CA GLY A 354 21.77 12.60 4.68
C GLY A 354 20.69 12.70 3.62
N ILE A 355 20.10 11.58 3.21
CA ILE A 355 19.12 11.53 2.12
C ILE A 355 17.72 11.71 2.70
N PRO A 356 16.97 12.72 2.30
CA PRO A 356 15.70 13.03 2.96
C PRO A 356 14.61 12.08 2.50
N TYR A 357 13.70 11.76 3.42
CA TYR A 357 12.55 10.91 3.13
C TYR A 357 11.39 11.30 4.04
N GLN A 358 10.24 10.67 3.82
CA GLN A 358 9.07 10.95 4.63
C GLN A 358 9.27 10.33 6.00
N ARG A 359 9.45 11.22 7.04
CA ARG A 359 9.72 10.78 8.40
C ARG A 359 8.43 10.62 9.18
N PRO A 360 8.41 9.70 10.14
CA PRO A 360 9.46 8.68 10.36
C PRO A 360 9.21 7.49 9.41
N ALA A 361 10.17 6.58 9.26
CA ALA A 361 9.98 5.45 8.36
C ALA A 361 8.66 4.73 8.66
N GLY A 362 7.91 4.42 7.60
CA GLY A 362 6.66 3.70 7.73
C GLY A 362 6.83 2.19 7.71
N GLY A 363 5.74 1.50 7.37
CA GLY A 363 5.70 0.06 7.55
C GLY A 363 6.38 -0.73 6.45
N HIS A 364 6.23 -0.26 5.22
CA HIS A 364 6.44 -1.13 4.08
C HIS A 364 7.40 -0.57 3.04
N ALA A 365 7.82 0.68 3.19
CA ALA A 365 8.56 1.36 2.13
C ALA A 365 9.16 2.65 2.69
N ILE A 366 10.18 3.14 2.02
CA ILE A 366 10.75 4.46 2.29
C ILE A 366 10.35 5.36 1.13
N PHE A 367 9.84 6.54 1.44
CA PHE A 367 9.45 7.49 0.40
C PHE A 367 10.47 8.63 0.38
N VAL A 368 11.41 8.55 -0.56
CA VAL A 368 12.45 9.56 -0.68
C VAL A 368 11.83 10.85 -1.19
N ASP A 369 12.11 11.96 -0.51
CA ASP A 369 11.56 13.26 -0.91
C ASP A 369 12.37 13.79 -2.08
N ALA A 370 11.86 13.60 -3.30
CA ALA A 370 12.60 14.00 -4.50
C ALA A 370 12.80 15.50 -4.59
N SER A 371 11.83 16.29 -4.10
CA SER A 371 11.99 17.74 -4.10
C SER A 371 13.28 18.18 -3.42
N LYS A 372 13.79 17.40 -2.46
CA LYS A 372 14.98 17.74 -1.70
C LYS A 372 16.20 16.91 -2.09
N VAL A 373 16.14 16.19 -3.21
CA VAL A 373 17.28 15.40 -3.67
C VAL A 373 17.76 15.86 -5.03
N LEU A 374 16.85 16.01 -5.99
CA LEU A 374 17.17 16.56 -7.29
C LEU A 374 16.65 18.00 -7.30
N THR A 375 17.39 18.86 -6.58
CA THR A 375 17.04 20.26 -6.40
C THR A 375 17.36 21.13 -7.62
N HIS A 376 18.15 20.61 -8.56
CA HIS A 376 18.51 21.34 -9.77
C HIS A 376 17.66 20.91 -10.97
N VAL A 377 16.44 20.44 -10.73
CA VAL A 377 15.52 19.97 -11.77
C VAL A 377 14.16 20.66 -11.62
N PRO A 378 13.64 21.30 -12.66
CA PRO A 378 12.36 22.00 -12.54
C PRO A 378 11.20 21.04 -12.24
N LYS A 379 10.32 21.47 -11.34
CA LYS A 379 9.14 20.65 -11.05
C LYS A 379 8.41 20.27 -12.33
N GLU A 380 8.36 21.18 -13.30
CA GLU A 380 7.75 20.88 -14.59
C GLU A 380 8.46 19.74 -15.33
N GLU A 381 9.72 19.45 -15.01
CA GLU A 381 10.46 18.37 -15.67
C GLU A 381 10.43 17.06 -14.86
N PHE A 382 9.52 16.95 -13.85
CA PHE A 382 9.26 15.78 -13.01
C PHE A 382 10.48 15.22 -12.28
N PRO A 383 10.82 15.77 -11.09
CA PRO A 383 12.05 15.35 -10.41
C PRO A 383 12.01 13.93 -9.88
N ALA A 384 10.92 13.56 -9.19
CA ALA A 384 10.81 12.21 -8.64
C ALA A 384 10.87 11.16 -9.74
N GLN A 385 10.18 11.40 -10.85
CA GLN A 385 10.31 10.47 -11.98
C GLN A 385 11.74 10.46 -12.50
N THR A 386 12.38 11.63 -12.54
CA THR A 386 13.78 11.66 -12.95
C THR A 386 14.66 10.88 -11.99
N LEU A 387 14.41 11.01 -10.69
CA LEU A 387 15.19 10.27 -9.72
C LEU A 387 15.00 8.76 -9.90
N THR A 388 13.76 8.33 -10.18
CA THR A 388 13.49 6.93 -10.48
C THR A 388 14.44 6.43 -11.57
N VAL A 389 14.54 7.21 -12.65
CA VAL A 389 15.37 6.80 -13.77
C VAL A 389 16.83 6.75 -13.36
N GLU A 390 17.29 7.74 -12.59
CA GLU A 390 18.71 7.82 -12.20
C GLU A 390 19.11 6.64 -11.34
N LEU A 391 18.28 6.32 -10.34
CA LEU A 391 18.60 5.18 -9.47
C LEU A 391 18.68 3.89 -10.28
N TYR A 392 17.77 3.71 -11.26
CA TYR A 392 17.85 2.50 -12.08
C TYR A 392 19.12 2.48 -12.92
N LEU A 393 19.49 3.64 -13.47
CA LEU A 393 20.73 3.70 -14.24
C LEU A 393 21.93 3.38 -13.38
N GLU A 394 21.90 3.83 -12.12
CA GLU A 394 23.05 3.72 -11.22
C GLU A 394 23.35 2.28 -10.83
N ALA A 395 22.31 1.53 -10.43
CA ALA A 395 22.52 0.23 -9.81
C ALA A 395 21.45 -0.79 -10.20
N GLY A 396 20.54 -0.46 -11.12
CA GLY A 396 19.53 -1.42 -11.52
C GLY A 396 18.45 -1.64 -10.50
N ILE A 397 18.27 -0.69 -9.59
CA ILE A 397 17.23 -0.75 -8.56
C ILE A 397 15.99 -0.03 -9.10
N ARG A 398 14.84 -0.73 -9.13
CA ARG A 398 13.61 -0.15 -9.63
C ARG A 398 12.71 0.29 -8.49
N GLY A 399 12.44 1.59 -8.41
CA GLY A 399 11.48 2.14 -7.50
C GLY A 399 10.21 2.55 -8.21
N CYS A 400 9.45 3.45 -7.57
CA CYS A 400 8.21 3.88 -8.16
C CYS A 400 7.92 5.32 -7.74
N GLU A 401 7.46 6.08 -8.72
CA GLU A 401 7.16 7.51 -8.50
C GLU A 401 5.80 7.71 -7.87
N ILE A 402 5.77 8.30 -6.71
CA ILE A 402 4.54 8.74 -6.05
C ILE A 402 4.58 10.26 -5.99
N GLY A 403 4.39 10.89 -7.14
CA GLY A 403 4.47 12.35 -7.24
C GLY A 403 3.58 12.88 -8.34
N TYR A 404 4.12 13.84 -9.10
CA TYR A 404 3.29 14.63 -10.01
C TYR A 404 2.64 13.75 -11.08
N ILE A 405 3.41 12.82 -11.67
CA ILE A 405 2.86 11.99 -12.74
C ILE A 405 1.71 11.12 -12.22
N LEU A 406 1.94 10.44 -11.09
CA LEU A 406 0.88 9.63 -10.49
C LEU A 406 -0.35 10.44 -10.15
N ALA A 407 -0.20 11.73 -9.83
CA ALA A 407 -1.34 12.51 -9.38
C ALA A 407 -2.29 12.89 -10.51
N ASP A 408 -1.89 12.68 -11.78
CA ASP A 408 -2.76 12.90 -12.94
C ASP A 408 -2.97 14.40 -13.21
N ARG A 409 -3.61 14.70 -14.34
CA ARG A 409 -3.99 16.05 -14.72
C ARG A 409 -5.38 16.37 -14.19
N ASP A 410 -5.68 17.66 -14.09
CA ASP A 410 -7.03 18.07 -13.72
C ASP A 410 -8.00 17.71 -14.84
N PRO A 411 -9.12 17.05 -14.54
CA PRO A 411 -10.00 16.54 -15.61
C PRO A 411 -10.59 17.63 -16.49
N VAL A 412 -10.70 18.87 -16.01
CA VAL A 412 -11.26 19.94 -16.80
C VAL A 412 -10.19 20.89 -17.31
N THR A 413 -9.23 21.26 -16.46
CA THR A 413 -8.18 22.20 -16.84
C THR A 413 -7.07 21.55 -17.66
N HIS A 414 -6.95 20.23 -17.63
CA HIS A 414 -5.90 19.48 -18.33
C HIS A 414 -4.49 19.98 -17.93
N LEU A 415 -4.34 20.40 -16.68
CA LEU A 415 -3.09 20.94 -16.16
C LEU A 415 -2.51 19.99 -15.12
N ASN A 416 -1.19 19.92 -15.04
CA ASN A 416 -0.53 19.10 -14.03
C ASN A 416 -0.68 19.71 -12.64
N ARG A 417 -0.64 18.85 -11.62
CA ARG A 417 -0.93 19.20 -10.22
C ARG A 417 0.40 19.17 -9.46
N PHE A 418 1.06 20.33 -9.37
CA PHE A 418 2.44 20.42 -8.88
C PHE A 418 2.55 20.78 -7.39
N ASN A 419 1.46 20.76 -6.63
CA ASN A 419 1.50 21.23 -5.26
C ASN A 419 1.56 20.10 -4.24
N GLY A 420 1.44 18.83 -4.67
CA GLY A 420 1.54 17.71 -3.75
C GLY A 420 2.97 17.21 -3.60
N LEU A 421 3.13 16.19 -2.77
CA LEU A 421 4.45 15.60 -2.57
C LEU A 421 4.94 14.91 -3.83
N ASP A 422 6.26 14.96 -4.03
CA ASP A 422 6.92 14.40 -5.22
C ASP A 422 7.94 13.39 -4.72
N LEU A 423 7.52 12.13 -4.57
CA LEU A 423 8.28 11.13 -3.83
C LEU A 423 8.72 9.98 -4.71
N LEU A 424 9.86 9.40 -4.37
CA LEU A 424 10.31 8.12 -4.93
C LEU A 424 10.09 7.05 -3.87
N ARG A 425 9.13 6.16 -4.11
CA ARG A 425 8.81 5.10 -3.17
C ARG A 425 9.77 3.94 -3.40
N LEU A 426 10.35 3.45 -2.30
CA LEU A 426 11.18 2.26 -2.27
C LEU A 426 10.39 1.22 -1.47
N ALA A 427 9.56 0.42 -2.15
CA ALA A 427 8.73 -0.58 -1.47
C ALA A 427 9.49 -1.88 -1.32
N ILE A 428 9.45 -2.46 -0.12
CA ILE A 428 10.27 -3.63 0.19
C ILE A 428 9.37 -4.87 0.14
N PRO A 429 9.58 -5.78 -0.81
CA PRO A 429 8.86 -7.05 -0.77
C PRO A 429 9.17 -7.78 0.52
N ARG A 430 8.15 -8.41 1.11
CA ARG A 430 8.32 -9.04 2.42
C ARG A 430 9.22 -10.27 2.32
N ARG A 431 10.29 -10.25 3.13
CA ARG A 431 11.11 -11.42 3.38
C ARG A 431 11.76 -11.92 2.09
N VAL A 432 12.19 -10.98 1.25
CA VAL A 432 12.80 -11.30 -0.04
C VAL A 432 14.25 -10.89 -0.08
N TYR A 433 14.56 -9.66 0.37
CA TYR A 433 15.89 -9.09 0.30
C TYR A 433 16.50 -9.02 1.70
N THR A 434 17.83 -9.11 1.76
CA THR A 434 18.56 -9.04 3.02
C THR A 434 18.93 -7.59 3.37
N ASP A 435 19.46 -7.41 4.58
CA ASP A 435 19.99 -6.09 4.93
C ASP A 435 21.25 -5.76 4.14
N ASN A 436 21.93 -6.73 3.54
CA ASN A 436 23.01 -6.41 2.61
C ASN A 436 22.46 -5.76 1.34
N HIS A 437 21.34 -6.29 0.81
CA HIS A 437 20.71 -5.61 -0.32
C HIS A 437 20.29 -4.19 0.08
N MET A 438 19.83 -4.00 1.31
CA MET A 438 19.45 -2.66 1.75
C MET A 438 20.64 -1.72 1.74
N ASN A 439 21.83 -2.22 2.10
CA ASN A 439 23.05 -1.41 2.03
C ASN A 439 23.33 -0.98 0.60
N VAL A 440 23.14 -1.89 -0.37
CA VAL A 440 23.35 -1.57 -1.77
C VAL A 440 22.39 -0.49 -2.22
N ILE A 441 21.12 -0.60 -1.81
CA ILE A 441 20.11 0.39 -2.14
C ILE A 441 20.57 1.77 -1.68
N ALA A 442 20.83 1.90 -0.38
CA ALA A 442 21.21 3.19 0.21
C ALA A 442 22.48 3.74 -0.44
N ALA A 443 23.45 2.88 -0.72
CA ALA A 443 24.69 3.33 -1.35
C ALA A 443 24.43 3.85 -2.76
N ALA A 444 23.69 3.08 -3.57
CA ALA A 444 23.31 3.55 -4.89
C ALA A 444 22.57 4.88 -4.82
N LEU A 445 21.68 5.03 -3.84
CA LEU A 445 20.99 6.31 -3.67
C LEU A 445 21.95 7.40 -3.21
N ARG A 446 22.89 7.06 -2.32
CA ARG A 446 23.93 8.02 -1.92
C ARG A 446 24.66 8.56 -3.14
N ASN A 447 25.09 7.67 -4.03
CA ASN A 447 25.82 8.10 -5.21
C ASN A 447 25.02 9.08 -6.05
N VAL A 448 23.74 8.77 -6.30
CA VAL A 448 22.92 9.72 -7.04
C VAL A 448 22.84 11.05 -6.28
N TYR A 449 22.55 10.98 -4.99
CA TYR A 449 22.42 12.20 -4.19
C TYR A 449 23.69 13.04 -4.23
N GLU A 450 24.86 12.41 -4.19
CA GLU A 450 26.10 13.16 -4.12
C GLU A 450 26.45 13.84 -5.44
N ARG A 451 25.69 13.57 -6.51
CA ARG A 451 25.87 14.27 -7.77
C ARG A 451 24.63 15.11 -8.11
N ARG A 452 23.95 15.66 -7.10
CA ARG A 452 22.73 16.39 -7.36
C ARG A 452 23.01 17.72 -8.08
N GLU A 453 24.11 18.39 -7.73
CA GLU A 453 24.46 19.66 -8.35
C GLU A 453 24.81 19.47 -9.82
N SER A 454 24.55 18.29 -10.35
CA SER A 454 24.87 17.93 -11.71
C SER A 454 23.68 17.42 -12.52
N ILE A 455 22.50 17.35 -11.93
CA ILE A 455 21.39 16.64 -12.53
C ILE A 455 20.34 17.71 -12.80
N THR A 456 20.32 18.25 -14.03
CA THR A 456 19.61 19.49 -14.28
C THR A 456 18.41 19.37 -15.21
N HIS A 457 18.27 18.27 -15.95
CA HIS A 457 17.09 18.10 -16.79
C HIS A 457 16.45 16.74 -16.58
N GLY A 458 15.15 16.76 -16.29
CA GLY A 458 14.40 15.55 -16.06
C GLY A 458 13.81 14.94 -17.32
N VAL A 459 12.48 14.80 -17.34
CA VAL A 459 11.80 14.05 -18.38
C VAL A 459 10.64 14.86 -18.91
N ARG A 460 10.13 14.44 -20.06
CA ARG A 460 9.04 15.10 -20.76
C ARG A 460 8.08 14.05 -21.28
N ILE A 461 6.78 14.25 -21.04
CA ILE A 461 5.79 13.31 -21.52
C ILE A 461 5.71 13.40 -23.04
N VAL A 462 5.95 12.27 -23.72
CA VAL A 462 5.81 12.19 -25.17
C VAL A 462 4.40 11.70 -25.49
N TRP A 463 4.04 10.52 -25.01
CA TRP A 463 2.67 10.04 -25.14
C TRP A 463 2.07 9.90 -23.75
N GLU A 464 0.77 10.16 -23.64
CA GLU A 464 0.13 10.23 -22.33
C GLU A 464 -1.29 9.75 -22.40
N ALA A 465 -1.68 8.99 -21.39
CA ALA A 465 -3.01 8.38 -21.32
C ALA A 465 -3.99 9.34 -20.67
N PRO A 466 -5.28 9.05 -20.78
CA PRO A 466 -6.29 9.96 -20.19
C PRO A 466 -6.34 9.88 -18.68
N LEU A 467 -6.18 8.68 -18.11
CA LEU A 467 -6.29 8.47 -16.67
C LEU A 467 -5.29 7.39 -16.26
N MET A 468 -4.88 7.43 -14.99
CA MET A 468 -3.77 6.60 -14.50
C MET A 468 -2.70 6.47 -15.57
N ARG A 469 -2.18 7.61 -16.01
CA ARG A 469 -1.16 7.64 -17.06
C ARG A 469 0.17 7.03 -16.62
N HIS A 470 0.40 6.89 -15.30
CA HIS A 470 1.76 6.54 -14.88
C HIS A 470 2.11 5.12 -15.32
N PHE A 471 1.13 4.21 -15.32
CA PHE A 471 1.39 2.84 -15.78
C PHE A 471 1.90 2.84 -17.21
N THR A 472 1.35 3.71 -18.05
CA THR A 472 1.48 3.58 -19.49
C THR A 472 2.09 4.79 -20.19
N VAL A 473 2.70 5.71 -19.44
CA VAL A 473 3.18 6.98 -19.99
C VAL A 473 4.54 6.78 -20.68
N GLN A 474 4.71 7.40 -21.84
CA GLN A 474 5.98 7.42 -22.54
C GLN A 474 6.69 8.75 -22.27
N LEU A 475 8.02 8.72 -22.24
CA LEU A 475 8.79 9.89 -21.81
C LEU A 475 10.12 9.95 -22.55
N GLU A 476 10.81 11.09 -22.40
CA GLU A 476 12.10 11.33 -23.04
C GLU A 476 13.01 12.07 -22.08
N ARG A 477 14.32 11.97 -22.32
CA ARG A 477 15.37 12.39 -21.37
C ARG A 477 15.16 11.92 -19.95
#